data_5HMA
#
_entry.id   5HMA
#
_cell.length_a   129.163
_cell.length_b   129.163
_cell.length_c   129.163
_cell.angle_alpha   90.000
_cell.angle_beta   90.000
_cell.angle_gamma   90.000
#
_symmetry.space_group_name_H-M   'P 4 3 2'
#
loop_
_entity.id
_entity.type
_entity.pdbx_description
1 polymer 'Trypsin-like serine protease'
2 polymer 'Unidentified peptide'
3 non-polymer 'NICKEL (II) ION'
4 non-polymer 'CHLORIDE ION'
5 water water
#
loop_
_entity_poly.entity_id
_entity_poly.type
_entity_poly.pdbx_seq_one_letter_code
_entity_poly.pdbx_strand_id
1 'polypeptide(L)'
;LYHTVPPAVVGVGGGGVNAGPVASGAIVGTNGYVITTLHSVSKLPEISVQVATTGGIRRFPAQVVKTIPGHDLALLKMQT
TEKFLHFRMADVQTVVPGQQVFAFGRNMAGAPLVRQGLVQSADAPLAVGATQITHLLRSDAVYSWEQTGGPLVNAQGDLV
GINIAATGPTGKVEGFTVPAQVIVSHLQDVV
;
A
2 'polypeptide(L)' (UNK)(UNK)(UNK)(UNK)(UNK) C
#
# COMPACT_ATOMS: atom_id res chain seq x y z
N LEU A 1 10.17 -12.90 8.68
CA LEU A 1 9.49 -12.06 7.69
C LEU A 1 8.32 -11.35 8.35
N TYR A 2 7.54 -12.12 9.11
CA TYR A 2 6.34 -11.62 9.78
C TYR A 2 6.71 -10.84 11.04
N HIS A 3 8.02 -10.62 11.23
CA HIS A 3 8.55 -9.87 12.38
C HIS A 3 9.17 -8.53 11.95
N THR A 4 9.71 -8.49 10.73
CA THR A 4 10.51 -7.37 10.24
C THR A 4 9.83 -6.46 9.19
N VAL A 5 8.75 -6.94 8.57
CA VAL A 5 7.97 -6.15 7.60
C VAL A 5 6.89 -5.27 8.25
N PRO A 6 6.15 -5.82 9.25
CA PRO A 6 5.04 -5.00 9.77
C PRO A 6 5.39 -3.59 10.28
N PRO A 7 6.62 -3.34 10.79
CA PRO A 7 6.81 -1.95 11.25
C PRO A 7 6.66 -0.91 10.13
N ALA A 8 6.95 -1.30 8.88
CA ALA A 8 6.83 -0.39 7.76
C ALA A 8 5.45 -0.45 7.09
N VAL A 9 4.51 -1.18 7.70
CA VAL A 9 3.13 -1.29 7.21
C VAL A 9 2.25 -0.42 8.07
N VAL A 10 1.61 0.58 7.46
CA VAL A 10 0.85 1.57 8.23
C VAL A 10 -0.61 1.55 7.84
N GLY A 11 -1.45 2.17 8.68
CA GLY A 11 -2.83 2.42 8.32
C GLY A 11 -2.94 3.86 7.83
N VAL A 12 -3.83 4.11 6.89
CA VAL A 12 -4.08 5.46 6.39
C VAL A 12 -5.56 5.80 6.53
N GLY A 13 -5.87 7.02 6.97
CA GLY A 13 -7.26 7.44 7.08
C GLY A 13 -7.41 8.93 7.31
N GLY A 14 -8.62 9.36 7.67
CA GLY A 14 -8.92 10.76 7.91
C GLY A 14 -8.30 11.23 9.22
N GLY A 15 -8.46 12.50 9.55
CA GLY A 15 -7.85 13.05 10.76
C GLY A 15 -8.65 12.98 12.04
N GLY A 16 -9.87 12.43 12.00
CA GLY A 16 -10.71 12.41 13.19
C GLY A 16 -10.08 11.63 14.32
N VAL A 17 -10.18 12.12 15.57
CA VAL A 17 -9.58 11.39 16.70
C VAL A 17 -10.09 9.97 16.82
N ASN A 18 -11.36 9.76 16.45
CA ASN A 18 -12.03 8.48 16.65
C ASN A 18 -12.08 7.73 15.35
N ALA A 19 -11.24 8.15 14.39
CA ALA A 19 -11.19 7.46 13.10
C ALA A 19 -10.06 6.44 13.05
N GLY A 20 -10.31 5.33 12.38
CA GLY A 20 -9.29 4.32 12.13
C GLY A 20 -8.94 4.25 10.65
N PRO A 21 -7.87 3.50 10.32
CA PRO A 21 -7.47 3.30 8.92
C PRO A 21 -8.63 2.85 8.04
N VAL A 22 -8.74 3.44 6.84
CA VAL A 22 -9.66 2.97 5.80
C VAL A 22 -8.85 2.30 4.69
N ALA A 23 -7.53 2.39 4.80
CA ALA A 23 -6.62 1.73 3.89
C ALA A 23 -5.28 1.53 4.58
N SER A 24 -4.38 0.84 3.89
CA SER A 24 -3.03 0.59 4.37
C SER A 24 -2.06 1.41 3.53
N GLY A 25 -0.78 1.33 3.88
CA GLY A 25 0.26 2.10 3.23
C GLY A 25 1.61 1.51 3.59
N ALA A 26 2.66 1.93 2.85
CA ALA A 26 4.01 1.38 3.02
C ALA A 26 4.99 2.53 3.28
N ILE A 27 5.77 2.44 4.37
CA ILE A 27 6.78 3.46 4.63
C ILE A 27 7.97 3.20 3.74
N VAL A 28 8.38 4.20 2.95
CA VAL A 28 9.46 3.97 2.01
C VAL A 28 10.62 4.93 2.21
N GLY A 29 10.56 5.73 3.26
CA GLY A 29 11.66 6.65 3.56
C GLY A 29 11.80 6.93 5.04
N THR A 30 13.03 7.09 5.49
CA THR A 30 13.30 7.22 6.91
C THR A 30 12.61 8.45 7.51
N ASN A 31 12.47 9.52 6.74
CA ASN A 31 11.83 10.73 7.28
C ASN A 31 10.32 10.75 7.10
N GLY A 32 9.72 9.59 6.88
CA GLY A 32 8.28 9.48 6.91
C GLY A 32 7.56 9.53 5.59
N TYR A 33 8.22 9.11 4.51
CA TYR A 33 7.53 8.97 3.23
C TYR A 33 6.70 7.69 3.22
N VAL A 34 5.47 7.81 2.72
CA VAL A 34 4.52 6.71 2.70
C VAL A 34 3.92 6.62 1.31
N ILE A 35 3.92 5.42 0.74
CA ILE A 35 3.17 5.16 -0.49
C ILE A 35 1.83 4.52 -0.15
N THR A 36 0.77 5.00 -0.77
CA THR A 36 -0.54 4.41 -0.56
C THR A 36 -1.34 4.56 -1.86
N THR A 37 -2.58 4.06 -1.89
CA THR A 37 -3.43 4.16 -3.08
C THR A 37 -4.08 5.54 -3.15
N LEU A 38 -4.08 6.14 -4.34
CA LEU A 38 -4.58 7.50 -4.51
C LEU A 38 -6.08 7.63 -4.18
N HIS A 39 -6.92 6.72 -4.70
CA HIS A 39 -8.36 6.80 -4.45
C HIS A 39 -8.70 6.68 -2.96
N SER A 40 -7.78 6.16 -2.15
CA SER A 40 -8.04 6.01 -0.72
C SER A 40 -7.91 7.33 0.04
N VAL A 41 -7.15 8.28 -0.50
CA VAL A 41 -6.86 9.49 0.25
C VAL A 41 -7.35 10.76 -0.44
N SER A 42 -7.61 10.69 -1.74
CA SER A 42 -7.83 11.89 -2.54
C SER A 42 -9.06 12.71 -2.11
N LYS A 43 -9.96 12.10 -1.36
CA LYS A 43 -11.16 12.81 -0.96
C LYS A 43 -11.23 13.03 0.56
N LEU A 44 -10.16 12.67 1.25
CA LEU A 44 -10.01 12.94 2.69
C LEU A 44 -9.59 14.38 2.91
N PRO A 45 -10.36 15.13 3.71
CA PRO A 45 -10.06 16.53 4.05
C PRO A 45 -8.69 16.67 4.72
N GLU A 46 -8.31 15.66 5.50
CA GLU A 46 -7.01 15.62 6.15
C GLU A 46 -6.58 14.16 6.25
N ILE A 47 -5.27 13.92 6.23
CA ILE A 47 -4.79 12.55 6.24
C ILE A 47 -4.00 12.28 7.51
N SER A 48 -4.30 11.16 8.16
CA SER A 48 -3.53 10.76 9.31
C SER A 48 -2.99 9.36 9.05
N VAL A 49 -1.73 9.15 9.40
CA VAL A 49 -1.10 7.85 9.21
C VAL A 49 -0.96 7.18 10.56
N GLN A 50 -1.32 5.91 10.63
CA GLN A 50 -1.27 5.19 11.90
C GLN A 50 -0.12 4.19 11.89
N VAL A 51 0.78 4.36 12.84
CA VAL A 51 2.05 3.64 12.89
C VAL A 51 2.09 2.79 14.14
N ALA A 52 2.48 1.52 13.98
CA ALA A 52 2.60 0.61 15.10
C ALA A 52 3.90 0.88 15.85
N THR A 53 3.82 0.92 17.18
CA THR A 53 5.03 1.06 17.99
C THR A 53 4.92 0.08 19.14
N THR A 54 6.02 -0.13 19.85
CA THR A 54 6.01 -0.96 21.03
C THR A 54 5.11 -0.35 22.14
N GLY A 55 4.77 0.93 22.03
CA GLY A 55 3.86 1.54 22.99
C GLY A 55 2.41 1.65 22.49
N GLY A 56 2.12 1.03 21.35
CA GLY A 56 0.80 1.15 20.74
C GLY A 56 0.80 2.08 19.54
N ILE A 57 -0.36 2.22 18.90
CA ILE A 57 -0.50 3.01 17.68
C ILE A 57 -0.19 4.48 17.93
N ARG A 58 0.67 5.05 17.09
CA ARG A 58 0.90 6.49 17.05
C ARG A 58 0.42 7.08 15.73
N ARG A 59 -0.18 8.26 15.81
CA ARG A 59 -0.73 8.88 14.60
C ARG A 59 0.11 10.08 14.20
N PHE A 60 0.29 10.25 12.89
CA PHE A 60 1.00 11.41 12.37
C PHE A 60 0.21 11.98 11.23
N PRO A 61 0.04 13.32 11.21
CA PRO A 61 -0.58 13.95 10.04
C PRO A 61 0.30 13.76 8.79
N ALA A 62 -0.31 13.67 7.62
CA ALA A 62 0.45 13.53 6.41
C ALA A 62 -0.10 14.43 5.32
N GLN A 63 0.79 14.92 4.48
CA GLN A 63 0.40 15.67 3.30
C GLN A 63 0.72 14.83 2.07
N VAL A 64 -0.05 15.03 1.01
CA VAL A 64 0.26 14.42 -0.26
C VAL A 64 1.44 15.18 -0.88
N VAL A 65 2.50 14.47 -1.24
CA VAL A 65 3.66 15.10 -1.87
C VAL A 65 3.51 15.07 -3.37
N LYS A 66 3.05 13.93 -3.85
CA LYS A 66 2.93 13.71 -5.28
C LYS A 66 1.88 12.64 -5.53
N THR A 67 1.02 12.90 -6.51
CA THR A 67 0.03 11.93 -6.97
C THR A 67 0.60 11.18 -8.18
N ILE A 68 0.29 9.89 -8.27
CA ILE A 68 0.61 9.12 -9.47
C ILE A 68 -0.72 8.57 -10.01
N PRO A 69 -1.57 9.45 -10.56
CA PRO A 69 -2.96 9.11 -10.90
C PRO A 69 -3.08 7.95 -11.88
N GLY A 70 -2.17 7.87 -12.85
CA GLY A 70 -2.17 6.81 -13.85
C GLY A 70 -1.92 5.41 -13.30
N HIS A 71 -1.54 5.34 -12.02
CA HIS A 71 -1.32 4.05 -11.36
C HIS A 71 -2.01 4.00 -10.00
N ASP A 72 -2.87 4.98 -9.74
CA ASP A 72 -3.62 5.06 -8.48
C ASP A 72 -2.71 5.03 -7.26
N LEU A 73 -1.58 5.72 -7.35
CA LEU A 73 -0.72 5.82 -6.18
C LEU A 73 -0.55 7.27 -5.71
N ALA A 74 -0.32 7.42 -4.41
CA ALA A 74 0.00 8.69 -3.78
C ALA A 74 1.23 8.54 -2.90
N LEU A 75 2.11 9.53 -2.97
CA LEU A 75 3.26 9.65 -2.06
C LEU A 75 2.89 10.63 -0.96
N LEU A 76 2.90 10.16 0.28
CA LEU A 76 2.60 11.00 1.42
C LEU A 76 3.88 11.31 2.19
N LYS A 77 3.87 12.42 2.91
CA LYS A 77 4.94 12.72 3.84
C LYS A 77 4.34 12.96 5.23
N MET A 78 4.72 12.17 6.21
CA MET A 78 4.31 12.42 7.59
C MET A 78 4.98 13.68 8.11
N GLN A 79 4.22 14.52 8.80
CA GLN A 79 4.75 15.72 9.42
C GLN A 79 5.21 15.38 10.83
N THR A 80 6.50 15.12 10.98
CA THR A 80 7.04 14.65 12.25
C THR A 80 8.54 14.87 12.29
N THR A 81 9.11 15.01 13.49
CA THR A 81 10.56 14.99 13.62
C THR A 81 11.10 13.56 13.77
N GLU A 82 10.22 12.57 13.79
CA GLU A 82 10.67 11.21 14.06
C GLU A 82 11.19 10.46 12.83
N LYS A 83 12.06 9.48 13.06
CA LYS A 83 12.58 8.61 12.01
C LYS A 83 11.84 7.26 11.99
N PHE A 84 11.85 6.58 10.84
CA PHE A 84 11.07 5.36 10.66
C PHE A 84 11.86 4.27 9.99
N LEU A 85 11.72 3.05 10.50
CA LEU A 85 12.07 1.85 9.74
C LEU A 85 11.20 1.81 8.48
N HIS A 86 11.77 1.40 7.35
CA HIS A 86 11.07 1.60 6.08
C HIS A 86 11.56 0.59 5.08
N PHE A 87 10.79 0.36 4.03
CA PHE A 87 11.27 -0.39 2.89
C PHE A 87 12.41 0.35 2.19
N ARG A 88 13.48 -0.36 1.87
CA ARG A 88 14.56 0.24 1.09
C ARG A 88 14.24 0.19 -0.39
N MET A 89 14.12 1.35 -1.02
CA MET A 89 13.75 1.41 -2.43
C MET A 89 14.81 0.78 -3.35
N ALA A 90 16.06 0.79 -2.91
CA ALA A 90 17.12 0.12 -3.65
C ALA A 90 16.90 -1.40 -3.70
N ASP A 91 16.14 -1.94 -2.75
CA ASP A 91 15.94 -3.39 -2.65
C ASP A 91 14.68 -3.87 -3.38
N VAL A 92 13.99 -2.95 -4.02
CA VAL A 92 12.78 -3.26 -4.78
C VAL A 92 13.05 -4.36 -5.80
N GLN A 93 12.17 -5.36 -5.89
CA GLN A 93 12.37 -6.47 -6.85
C GLN A 93 11.13 -6.72 -7.69
N THR A 94 11.33 -7.29 -8.88
CA THR A 94 10.22 -7.83 -9.66
C THR A 94 9.85 -9.25 -9.20
N VAL A 95 8.62 -9.67 -9.48
CA VAL A 95 8.20 -11.04 -9.23
C VAL A 95 7.63 -11.62 -10.52
N VAL A 96 7.59 -12.95 -10.60
CA VAL A 96 7.03 -13.65 -11.77
C VAL A 96 5.80 -14.48 -11.37
N PRO A 97 4.93 -14.81 -12.35
CA PRO A 97 3.83 -15.74 -12.05
C PRO A 97 4.30 -17.03 -11.37
N GLY A 98 3.69 -17.38 -10.25
CA GLY A 98 3.99 -18.64 -9.58
C GLY A 98 4.81 -18.40 -8.33
N GLN A 99 5.36 -17.18 -8.23
CA GLN A 99 6.21 -16.85 -7.11
C GLN A 99 5.37 -16.54 -5.89
N GLN A 100 5.79 -17.04 -4.74
CA GLN A 100 5.07 -16.74 -3.51
C GLN A 100 5.28 -15.30 -3.10
N VAL A 101 4.19 -14.62 -2.75
CA VAL A 101 4.26 -13.25 -2.25
C VAL A 101 3.43 -13.10 -1.00
N PHE A 102 3.58 -11.98 -0.32
CA PHE A 102 2.92 -11.75 0.96
C PHE A 102 2.35 -10.35 0.96
N ALA A 103 1.07 -10.24 1.25
CA ALA A 103 0.39 -8.95 1.23
C ALA A 103 0.11 -8.52 2.67
N PHE A 104 0.66 -7.38 3.05
CA PHE A 104 0.53 -6.89 4.43
C PHE A 104 -0.42 -5.68 4.47
N GLY A 105 -1.13 -5.53 5.59
CA GLY A 105 -1.97 -4.36 5.80
C GLY A 105 -2.21 -4.11 7.28
N ARG A 106 -3.03 -3.12 7.61
CA ARG A 106 -3.46 -2.90 8.97
C ARG A 106 -4.96 -2.67 8.95
N ASN A 107 -5.65 -3.29 9.89
CA ASN A 107 -7.09 -3.17 9.91
C ASN A 107 -7.53 -1.88 10.63
N MET A 108 -8.85 -1.73 10.79
CA MET A 108 -9.46 -0.53 11.33
C MET A 108 -9.09 -0.29 12.79
N ALA A 109 -8.54 -1.31 13.45
CA ALA A 109 -8.10 -1.18 14.84
C ALA A 109 -6.58 -1.05 14.97
N GLY A 110 -5.87 -1.04 13.85
CA GLY A 110 -4.43 -0.93 13.87
C GLY A 110 -3.67 -2.24 13.92
N ALA A 111 -4.40 -3.34 13.96
CA ALA A 111 -3.77 -4.66 13.98
C ALA A 111 -3.21 -4.99 12.61
N PRO A 112 -2.08 -5.72 12.58
CA PRO A 112 -1.46 -6.13 11.32
C PRO A 112 -2.25 -7.25 10.62
N LEU A 113 -2.29 -7.18 9.30
CA LEU A 113 -2.90 -8.23 8.48
C LEU A 113 -1.83 -8.76 7.55
N VAL A 114 -1.75 -10.07 7.42
CA VAL A 114 -0.84 -10.64 6.42
C VAL A 114 -1.50 -11.85 5.77
N ARG A 115 -1.31 -11.97 4.47
CA ARG A 115 -1.74 -13.16 3.76
C ARG A 115 -0.71 -13.50 2.69
N GLN A 116 -0.40 -14.78 2.56
CA GLN A 116 0.49 -15.21 1.50
C GLN A 116 -0.31 -15.77 0.34
N GLY A 117 0.29 -15.71 -0.84
CA GLY A 117 -0.31 -16.28 -2.03
C GLY A 117 0.70 -16.36 -3.15
N LEU A 118 0.23 -16.78 -4.30
CA LEU A 118 1.03 -16.82 -5.51
C LEU A 118 0.70 -15.66 -6.45
N VAL A 119 1.71 -15.18 -7.17
CA VAL A 119 1.48 -14.30 -8.30
C VAL A 119 0.76 -15.10 -9.39
N GLN A 120 -0.34 -14.57 -9.92
CA GLN A 120 -1.16 -15.36 -10.85
C GLN A 120 -1.10 -14.79 -12.27
N SER A 121 -0.65 -13.54 -12.38
CA SER A 121 -0.48 -12.88 -13.66
C SER A 121 0.45 -11.72 -13.44
N ALA A 122 1.21 -11.35 -14.46
CA ALA A 122 2.14 -10.22 -14.31
C ALA A 122 1.75 -9.05 -15.23
N ASP A 123 0.61 -9.19 -15.90
CA ASP A 123 0.15 -8.17 -16.83
C ASP A 123 -1.38 -8.18 -16.90
N ALA A 124 -2.00 -7.43 -16.01
CA ALA A 124 -3.46 -7.37 -15.97
C ALA A 124 -3.93 -5.93 -15.88
N PRO A 125 -5.03 -5.62 -16.58
CA PRO A 125 -5.69 -4.30 -16.51
C PRO A 125 -6.64 -4.17 -15.32
N LEU A 126 -6.87 -2.94 -14.86
CA LEU A 126 -7.86 -2.65 -13.83
C LEU A 126 -8.38 -1.23 -13.99
N ALA A 127 -9.69 -1.07 -13.88
CA ALA A 127 -10.30 0.25 -13.92
C ALA A 127 -10.57 0.75 -12.50
N VAL A 128 -9.96 1.89 -12.16
CA VAL A 128 -10.21 2.57 -10.90
C VAL A 128 -10.85 3.91 -11.23
N GLY A 129 -12.14 4.03 -10.95
CA GLY A 129 -12.90 5.18 -11.41
C GLY A 129 -12.80 5.28 -12.93
N ALA A 130 -12.34 6.43 -13.42
CA ALA A 130 -12.25 6.66 -14.86
C ALA A 130 -10.87 6.29 -15.41
N THR A 131 -9.97 5.88 -14.53
CA THR A 131 -8.61 5.58 -14.95
C THR A 131 -8.45 4.10 -15.29
N GLN A 132 -7.99 3.83 -16.51
CA GLN A 132 -7.63 2.48 -16.91
C GLN A 132 -6.17 2.20 -16.58
N ILE A 133 -5.95 1.47 -15.49
CA ILE A 133 -4.59 1.11 -15.12
C ILE A 133 -4.21 -0.21 -15.79
N THR A 134 -2.99 -0.25 -16.33
CA THR A 134 -2.50 -1.43 -17.04
C THR A 134 -1.24 -2.03 -16.41
N HIS A 135 -0.88 -3.22 -16.88
CA HIS A 135 0.35 -3.91 -16.47
C HIS A 135 0.47 -4.08 -14.95
N LEU A 136 -0.63 -4.46 -14.33
CA LEU A 136 -0.63 -4.80 -12.91
C LEU A 136 -0.34 -6.29 -12.71
N LEU A 137 0.07 -6.63 -11.50
CA LEU A 137 0.12 -8.03 -11.07
C LEU A 137 -1.25 -8.47 -10.56
N ARG A 138 -1.50 -9.78 -10.60
CA ARG A 138 -2.60 -10.35 -9.84
C ARG A 138 -2.10 -11.44 -8.91
N SER A 139 -2.61 -11.43 -7.69
CA SER A 139 -2.29 -12.49 -6.75
C SER A 139 -3.45 -12.71 -5.79
N ASP A 140 -3.56 -13.92 -5.28
CA ASP A 140 -4.60 -14.25 -4.32
C ASP A 140 -4.15 -13.93 -2.89
N ALA A 141 -3.06 -13.17 -2.72
CA ALA A 141 -2.61 -12.77 -1.38
C ALA A 141 -3.46 -11.61 -0.85
N VAL A 142 -4.12 -10.91 -1.77
CA VAL A 142 -5.00 -9.80 -1.41
C VAL A 142 -6.44 -10.31 -1.29
N TYR A 143 -6.96 -10.33 -0.06
CA TYR A 143 -8.28 -10.90 0.20
C TYR A 143 -9.25 -9.87 0.81
N SER A 144 -8.73 -8.73 1.27
CA SER A 144 -9.56 -7.76 2.00
C SER A 144 -9.36 -6.34 1.51
N TRP A 145 -10.45 -5.58 1.47
CA TRP A 145 -10.39 -4.17 1.16
C TRP A 145 -9.39 -3.42 2.05
N GLU A 146 -9.17 -3.91 3.26
CA GLU A 146 -8.26 -3.25 4.19
C GLU A 146 -6.80 -3.36 3.79
N GLN A 147 -6.49 -4.29 2.89
CA GLN A 147 -5.11 -4.47 2.43
C GLN A 147 -4.76 -3.47 1.34
N THR A 148 -5.79 -2.79 0.83
CA THR A 148 -5.58 -1.84 -0.25
C THR A 148 -4.60 -0.77 0.18
N GLY A 149 -3.61 -0.47 -0.67
CA GLY A 149 -2.62 0.55 -0.34
C GLY A 149 -1.41 0.01 0.41
N GLY A 150 -1.54 -1.21 0.96
CA GLY A 150 -0.41 -1.85 1.63
C GLY A 150 0.58 -2.55 0.69
N PRO A 151 1.72 -2.98 1.23
CA PRO A 151 2.76 -3.56 0.39
C PRO A 151 2.58 -5.06 0.07
N LEU A 152 2.95 -5.43 -1.16
CA LEU A 152 3.26 -6.81 -1.50
C LEU A 152 4.76 -7.03 -1.34
N VAL A 153 5.18 -8.13 -0.72
CA VAL A 153 6.60 -8.40 -0.58
C VAL A 153 6.90 -9.80 -1.02
N ASN A 154 8.16 -10.03 -1.38
CA ASN A 154 8.59 -11.39 -1.69
C ASN A 154 9.01 -12.05 -0.37
N ALA A 155 9.53 -13.27 -0.47
CA ALA A 155 9.86 -14.02 0.72
C ALA A 155 11.06 -13.42 1.47
N GLN A 156 11.82 -12.56 0.80
CA GLN A 156 12.95 -11.92 1.47
C GLN A 156 12.53 -10.60 2.14
N GLY A 157 11.27 -10.20 1.97
CA GLY A 157 10.82 -8.96 2.57
C GLY A 157 11.04 -7.75 1.69
N ASP A 158 11.54 -7.94 0.48
CA ASP A 158 11.69 -6.84 -0.47
C ASP A 158 10.33 -6.35 -0.94
N LEU A 159 10.19 -5.03 -1.05
CA LEU A 159 8.97 -4.44 -1.58
C LEU A 159 8.83 -4.84 -3.05
N VAL A 160 7.71 -5.44 -3.44
CA VAL A 160 7.53 -5.74 -4.86
C VAL A 160 6.35 -4.96 -5.44
N GLY A 161 5.52 -4.40 -4.58
CA GLY A 161 4.43 -3.58 -5.07
C GLY A 161 3.45 -3.07 -4.04
N ILE A 162 2.43 -2.37 -4.53
CA ILE A 162 1.39 -1.78 -3.70
C ILE A 162 0.05 -2.38 -4.13
N ASN A 163 -0.71 -2.89 -3.16
CA ASN A 163 -1.88 -3.68 -3.47
C ASN A 163 -3.15 -2.86 -3.65
N ILE A 164 -4.04 -3.40 -4.49
CA ILE A 164 -5.37 -2.85 -4.73
C ILE A 164 -6.36 -3.99 -4.68
N ALA A 165 -7.29 -3.96 -3.72
CA ALA A 165 -8.38 -4.94 -3.71
C ALA A 165 -9.47 -4.49 -4.66
N ALA A 166 -9.84 -5.34 -5.61
CA ALA A 166 -10.93 -4.99 -6.51
C ALA A 166 -12.05 -6.00 -6.37
N THR A 167 -13.23 -5.61 -6.81
CA THR A 167 -14.42 -6.46 -6.77
C THR A 167 -14.63 -7.09 -8.15
N GLY A 168 -14.86 -8.41 -8.18
CA GLY A 168 -15.21 -9.08 -9.42
C GLY A 168 -16.66 -8.80 -9.80
N PRO A 169 -17.12 -9.37 -10.91
CA PRO A 169 -18.52 -9.19 -11.34
C PRO A 169 -19.55 -9.82 -10.39
N THR A 170 -19.04 -10.59 -9.44
CA THR A 170 -19.84 -11.47 -8.60
C THR A 170 -19.58 -11.11 -7.12
N GLY A 171 -18.68 -10.15 -6.93
CA GLY A 171 -18.45 -9.59 -5.62
C GLY A 171 -17.24 -10.17 -4.94
N LYS A 172 -16.71 -11.24 -5.52
CA LYS A 172 -15.50 -11.88 -5.02
C LYS A 172 -14.37 -10.85 -5.03
N VAL A 173 -13.67 -10.75 -3.90
CA VAL A 173 -12.49 -9.90 -3.83
C VAL A 173 -11.35 -10.46 -4.69
N GLU A 174 -10.85 -9.63 -5.60
CA GLU A 174 -9.73 -10.00 -6.46
C GLU A 174 -8.53 -9.14 -6.11
N GLY A 175 -7.33 -9.73 -6.12
CA GLY A 175 -6.14 -9.00 -5.76
C GLY A 175 -5.32 -8.45 -6.93
N PHE A 176 -5.06 -7.15 -6.91
CA PHE A 176 -4.19 -6.52 -7.89
C PHE A 176 -3.00 -5.89 -7.20
N THR A 177 -1.93 -5.64 -7.95
CA THR A 177 -0.74 -5.01 -7.38
C THR A 177 -0.02 -4.13 -8.41
N VAL A 178 0.21 -2.88 -8.03
CA VAL A 178 1.05 -1.97 -8.80
C VAL A 178 2.52 -2.32 -8.55
N PRO A 179 3.26 -2.70 -9.61
CA PRO A 179 4.67 -3.06 -9.43
C PRO A 179 5.50 -1.93 -8.80
N ALA A 180 6.43 -2.28 -7.92
CA ALA A 180 7.19 -1.27 -7.19
C ALA A 180 8.05 -0.40 -8.11
N GLN A 181 8.41 -0.90 -9.29
CA GLN A 181 9.22 -0.14 -10.23
C GLN A 181 8.51 1.14 -10.67
N VAL A 182 7.18 1.10 -10.66
CA VAL A 182 6.37 2.25 -11.00
C VAL A 182 6.66 3.40 -10.03
N ILE A 183 6.84 3.04 -8.75
CA ILE A 183 7.19 4.03 -7.74
C ILE A 183 8.50 4.73 -8.07
N VAL A 184 9.54 3.94 -8.33
CA VAL A 184 10.86 4.46 -8.62
C VAL A 184 10.84 5.46 -9.78
N SER A 185 10.23 5.07 -10.88
CA SER A 185 10.30 5.84 -12.12
C SER A 185 9.40 7.08 -12.10
N HIS A 186 8.29 7.01 -11.36
CA HIS A 186 7.37 8.14 -11.29
C HIS A 186 7.70 9.06 -10.10
N LEU A 187 8.82 8.79 -9.44
CA LEU A 187 9.22 9.61 -8.29
C LEU A 187 10.65 10.09 -8.38
N GLN A 188 11.23 10.05 -9.57
CA GLN A 188 12.62 10.47 -9.73
C GLN A 188 12.76 11.99 -9.66
N ASP A 189 11.73 12.68 -9.16
CA ASP A 189 11.79 14.12 -8.94
C ASP A 189 11.49 14.53 -7.49
N VAL A 190 11.75 13.62 -6.54
CA VAL A 190 11.53 13.91 -5.12
C VAL A 190 12.76 13.57 -4.26
N VAL A 191 12.89 12.30 -3.88
CA VAL A 191 14.02 11.82 -3.07
C VAL A 191 14.64 10.57 -3.69
N UNK B 1 -13.54 -5.84 -13.27
CA UNK B 1 -13.24 -5.66 -11.85
C UNK B 1 -13.11 -4.16 -11.46
N UNK B 2 -13.63 -3.80 -10.27
CA UNK B 2 -13.69 -2.40 -9.82
C UNK B 2 -13.18 -2.25 -8.37
N UNK B 3 -12.40 -1.21 -8.10
CA UNK B 3 -11.79 -1.08 -6.78
C UNK B 3 -12.84 -0.72 -5.71
N UNK B 4 -12.45 -0.82 -4.44
CA UNK B 4 -13.38 -0.62 -3.30
C UNK B 4 -12.87 0.42 -2.27
N UNK B 5 -13.80 1.22 -1.76
CA UNK B 5 -13.56 2.14 -0.64
C UNK B 5 -12.50 3.21 -0.93
#